data_5J4U
#
_entry.id   5J4U
#
_cell.length_a   83.028
_cell.length_b   74.646
_cell.length_c   48.935
_cell.angle_alpha   90.000
_cell.angle_beta   121.870
_cell.angle_gamma   90.000
#
_symmetry.space_group_name_H-M   'C 1 2 1'
#
loop_
_entity.id
_entity.type
_entity.pdbx_description
1 polymer 'Glutathione transferase family protein'
2 non-polymer GLUTATHIONE
3 water water
#
_entity_poly.entity_id   1
_entity_poly.type   'polypeptide(L)'
_entity_poly.pdbx_seq_one_letter_code
;MHHHHHHGSEFMASDQVTLLDFWPSPFGMRVRLALAEKGVKYEYSEEDLRNKSALLLQMNPVNKQIPVLVHNGKPVCESL
IIVQYIDEVWKDSAPLLPSDPYQRAQSRFWADFVDKKIYDLGRKIWTKKGEEQEAAKKDFIDSLKLMEGELGDKPYFGGE
TIGYVDIALVPFYSWFYAYETIGNFNIEAECPKMIAYCKRCLQKETVSKALEDPQKVYDFVLMLMKKFGIE
;
_entity_poly.pdbx_strand_id   A
#
loop_
_chem_comp.id
_chem_comp.type
_chem_comp.name
_chem_comp.formula
GSH non-polymer GLUTATHIONE 'C10 H17 N3 O6 S'
#
# COMPACT_ATOMS: atom_id res chain seq x y z
N SER A 14 4.36 -21.07 17.33
CA SER A 14 3.39 -22.15 17.22
C SER A 14 2.29 -21.81 16.20
N ASP A 15 2.14 -20.52 15.92
CA ASP A 15 1.06 -20.05 15.06
C ASP A 15 1.29 -20.32 13.58
N GLN A 16 0.20 -20.58 12.86
CA GLN A 16 0.24 -20.78 11.42
C GLN A 16 -0.21 -19.50 10.75
N VAL A 17 0.63 -18.95 9.88
CA VAL A 17 0.31 -17.72 9.16
C VAL A 17 0.64 -17.86 7.69
N THR A 18 -0.37 -17.61 6.86
CA THR A 18 -0.20 -17.64 5.41
C THR A 18 -0.74 -16.34 4.82
N LEU A 19 -0.01 -15.78 3.86
CA LEU A 19 -0.45 -14.59 3.16
C LEU A 19 -0.73 -14.95 1.71
N LEU A 20 -1.97 -14.77 1.28
CA LEU A 20 -2.34 -14.96 -0.12
C LEU A 20 -2.19 -13.60 -0.78
N ASP A 21 -1.40 -13.52 -1.84
CA ASP A 21 -0.98 -12.22 -2.35
C ASP A 21 -0.67 -12.30 -3.83
N PHE A 22 -0.42 -11.15 -4.44
CA PHE A 22 -0.06 -11.04 -5.85
C PHE A 22 1.00 -9.93 -5.93
N TRP A 23 2.16 -10.26 -6.48
CA TRP A 23 3.37 -9.45 -6.25
C TRP A 23 3.28 -7.91 -6.46
N PRO A 24 2.62 -7.43 -7.54
CA PRO A 24 2.66 -5.96 -7.75
C PRO A 24 1.60 -5.19 -6.97
N SER A 25 0.78 -5.87 -6.19
CA SER A 25 -0.30 -5.19 -5.49
C SER A 25 0.20 -4.33 -4.34
N PRO A 26 -0.09 -3.03 -4.37
CA PRO A 26 0.31 -2.20 -3.22
C PRO A 26 -0.46 -2.61 -1.96
N PHE A 27 -1.66 -3.15 -2.14
CA PHE A 27 -2.45 -3.62 -1.01
C PHE A 27 -1.78 -4.80 -0.33
N GLY A 28 -1.28 -5.74 -1.13
CA GLY A 28 -0.51 -6.84 -0.57
C GLY A 28 0.80 -6.37 0.07
N MET A 29 1.47 -5.42 -0.58
CA MET A 29 2.70 -4.87 -0.01
C MET A 29 2.47 -4.29 1.38
N ARG A 30 1.32 -3.67 1.62
CA ARG A 30 0.99 -3.19 2.97
C ARG A 30 1.10 -4.31 3.99
N VAL A 31 0.56 -5.46 3.65
CA VAL A 31 0.52 -6.57 4.60
C VAL A 31 1.91 -7.17 4.77
N ARG A 32 2.64 -7.29 3.66
CA ARG A 32 4.02 -7.76 3.72
C ARG A 32 4.84 -6.88 4.67
N LEU A 33 4.62 -5.58 4.56
CA LEU A 33 5.34 -4.63 5.39
C LEU A 33 4.91 -4.74 6.86
N ALA A 34 3.62 -4.84 7.12
CA ALA A 34 3.15 -4.94 8.49
C ALA A 34 3.66 -6.20 9.19
N LEU A 35 3.64 -7.32 8.46
CA LEU A 35 4.15 -8.58 9.01
C LEU A 35 5.65 -8.45 9.32
N ALA A 36 6.39 -7.86 8.39
CA ALA A 36 7.83 -7.66 8.60
C ALA A 36 8.08 -6.73 9.78
N GLU A 37 7.32 -5.64 9.86
CA GLU A 37 7.54 -4.64 10.89
C GLU A 37 7.27 -5.20 12.29
N LYS A 38 6.32 -6.13 12.40
CA LYS A 38 6.00 -6.72 13.69
C LYS A 38 6.68 -8.08 13.89
N GLY A 39 7.54 -8.46 12.96
CA GLY A 39 8.36 -9.66 13.09
C GLY A 39 7.59 -10.96 13.04
N VAL A 40 6.55 -11.01 12.22
CA VAL A 40 5.71 -12.20 12.12
C VAL A 40 6.22 -13.14 11.05
N LYS A 41 6.53 -14.38 11.44
CA LYS A 41 6.92 -15.39 10.47
C LYS A 41 5.69 -15.91 9.74
N TYR A 42 5.78 -16.05 8.42
CA TYR A 42 4.64 -16.48 7.62
C TYR A 42 5.07 -17.10 6.30
N GLU A 43 4.14 -17.82 5.68
CA GLU A 43 4.33 -18.37 4.35
C GLU A 43 3.64 -17.46 3.34
N TYR A 44 4.39 -17.00 2.34
CA TYR A 44 3.85 -16.19 1.26
C TYR A 44 3.36 -17.12 0.15
N SER A 45 2.14 -16.89 -0.31
CA SER A 45 1.56 -17.70 -1.37
C SER A 45 1.13 -16.82 -2.54
N GLU A 46 1.84 -16.93 -3.65
CA GLU A 46 1.53 -16.14 -4.84
C GLU A 46 0.30 -16.69 -5.55
N GLU A 47 -0.73 -15.86 -5.70
CA GLU A 47 -1.98 -16.27 -6.34
C GLU A 47 -2.01 -15.90 -7.81
N ASP A 48 -2.56 -16.81 -8.61
CA ASP A 48 -2.92 -16.48 -9.99
C ASP A 48 -4.36 -15.99 -9.96
N LEU A 49 -4.56 -14.72 -10.27
CA LEU A 49 -5.88 -14.10 -10.15
C LEU A 49 -6.76 -14.36 -11.36
N ARG A 50 -6.19 -15.02 -12.38
CA ARG A 50 -6.95 -15.45 -13.55
C ARG A 50 -7.60 -16.80 -13.25
N ASN A 51 -6.86 -17.65 -12.53
CA ASN A 51 -7.36 -18.94 -12.11
C ASN A 51 -7.24 -19.07 -10.60
N LYS A 52 -8.18 -18.47 -9.89
CA LYS A 52 -8.08 -18.36 -8.44
C LYS A 52 -8.12 -19.72 -7.72
N SER A 53 -7.23 -19.88 -6.75
CA SER A 53 -7.09 -21.14 -6.05
C SER A 53 -8.27 -21.46 -5.14
N ALA A 54 -8.46 -22.74 -4.86
CA ALA A 54 -9.50 -23.17 -3.92
C ALA A 54 -9.34 -22.43 -2.59
N LEU A 55 -8.10 -22.22 -2.18
CA LEU A 55 -7.83 -21.57 -0.90
C LEU A 55 -8.34 -20.13 -0.88
N LEU A 56 -8.05 -19.37 -1.94
CA LEU A 56 -8.50 -18.00 -2.00
C LEU A 56 -10.03 -17.93 -2.01
N LEU A 57 -10.65 -18.83 -2.76
CA LEU A 57 -12.11 -18.86 -2.86
C LEU A 57 -12.74 -19.25 -1.53
N GLN A 58 -12.09 -20.15 -0.81
CA GLN A 58 -12.56 -20.54 0.52
C GLN A 58 -12.46 -19.37 1.49
N MET A 59 -11.35 -18.64 1.41
CA MET A 59 -10.99 -17.64 2.42
C MET A 59 -11.57 -16.25 2.19
N ASN A 60 -11.81 -15.90 0.94
CA ASN A 60 -12.43 -14.62 0.60
C ASN A 60 -13.56 -14.84 -0.40
N PRO A 61 -14.64 -15.53 0.03
CA PRO A 61 -15.74 -15.84 -0.88
C PRO A 61 -16.47 -14.59 -1.38
N VAL A 62 -16.48 -13.53 -0.58
CA VAL A 62 -17.25 -12.36 -0.94
C VAL A 62 -16.56 -11.52 -2.03
N ASN A 63 -15.29 -11.19 -1.80
CA ASN A 63 -14.56 -10.32 -2.71
C ASN A 63 -13.63 -11.04 -3.65
N LYS A 64 -13.17 -12.23 -3.25
CA LYS A 64 -12.27 -13.03 -4.07
C LYS A 64 -11.02 -12.26 -4.47
N GLN A 65 -10.52 -11.46 -3.53
CA GLN A 65 -9.35 -10.61 -3.75
C GLN A 65 -8.23 -10.97 -2.81
N ILE A 66 -7.02 -10.62 -3.23
CA ILE A 66 -5.88 -10.57 -2.31
C ILE A 66 -5.68 -9.12 -1.88
N PRO A 67 -4.98 -8.90 -0.76
CA PRO A 67 -4.38 -9.90 0.13
C PRO A 67 -5.41 -10.53 1.05
N VAL A 68 -5.09 -11.75 1.49
CA VAL A 68 -5.83 -12.42 2.56
C VAL A 68 -4.79 -12.98 3.52
N LEU A 69 -4.96 -12.69 4.80
CA LEU A 69 -4.13 -13.31 5.82
C LEU A 69 -4.89 -14.47 6.43
N VAL A 70 -4.28 -15.66 6.46
CA VAL A 70 -4.91 -16.79 7.12
C VAL A 70 -4.08 -17.06 8.35
N HIS A 71 -4.69 -16.88 9.52
CA HIS A 71 -3.99 -17.05 10.78
C HIS A 71 -4.70 -18.14 11.55
N ASN A 72 -3.99 -19.24 11.81
CA ASN A 72 -4.57 -20.38 12.52
C ASN A 72 -5.89 -20.82 11.91
N GLY A 73 -5.92 -20.84 10.59
CA GLY A 73 -7.06 -21.34 9.83
C GLY A 73 -8.16 -20.34 9.58
N LYS A 74 -8.04 -19.14 10.14
CA LYS A 74 -9.06 -18.12 10.01
C LYS A 74 -8.61 -16.97 9.10
N PRO A 75 -9.46 -16.61 8.13
CA PRO A 75 -9.07 -15.58 7.15
C PRO A 75 -9.38 -14.16 7.58
N VAL A 76 -8.48 -13.25 7.26
CA VAL A 76 -8.71 -11.82 7.45
C VAL A 76 -8.53 -11.16 6.09
N CYS A 77 -9.54 -10.43 5.64
CA CYS A 77 -9.54 -9.81 4.32
C CYS A 77 -9.56 -8.28 4.45
N GLU A 78 -9.09 -7.62 3.37
CA GLU A 78 -8.99 -6.16 3.23
C GLU A 78 -7.70 -5.67 3.90
N SER A 79 -6.81 -5.12 3.09
CA SER A 79 -5.45 -4.81 3.55
C SER A 79 -5.41 -3.98 4.85
N LEU A 80 -6.18 -2.91 4.94
CA LEU A 80 -6.11 -2.10 6.16
C LEU A 80 -6.68 -2.83 7.38
N ILE A 81 -7.72 -3.61 7.17
CA ILE A 81 -8.27 -4.44 8.24
C ILE A 81 -7.22 -5.46 8.70
N ILE A 82 -6.51 -6.04 7.74
CA ILE A 82 -5.46 -6.99 8.05
C ILE A 82 -4.34 -6.33 8.85
N VAL A 83 -3.92 -5.13 8.48
CA VAL A 83 -2.87 -4.45 9.23
C VAL A 83 -3.31 -4.21 10.68
N GLN A 84 -4.56 -3.80 10.89
CA GLN A 84 -5.06 -3.60 12.24
C GLN A 84 -5.10 -4.91 13.03
N TYR A 85 -5.52 -5.98 12.36
CA TYR A 85 -5.52 -7.30 12.96
C TYR A 85 -4.11 -7.66 13.45
N ILE A 86 -3.12 -7.52 12.57
CA ILE A 86 -1.74 -7.81 12.91
C ILE A 86 -1.29 -7.01 14.13
N ASP A 87 -1.65 -5.73 14.16
CA ASP A 87 -1.26 -4.86 15.26
C ASP A 87 -1.88 -5.31 16.57
N GLU A 88 -3.10 -5.84 16.53
CA GLU A 88 -3.83 -6.24 17.72
C GLU A 88 -3.38 -7.59 18.23
N VAL A 89 -2.82 -8.41 17.35
CA VAL A 89 -2.51 -9.81 17.67
C VAL A 89 -1.05 -10.02 18.07
N TRP A 90 -0.14 -9.37 17.36
CA TRP A 90 1.28 -9.51 17.67
C TRP A 90 1.77 -8.26 18.40
N LYS A 91 2.19 -8.44 19.65
CA LYS A 91 2.43 -7.32 20.56
C LYS A 91 3.88 -7.16 21.01
N ASP A 92 4.79 -8.00 20.53
CA ASP A 92 6.16 -7.94 21.02
C ASP A 92 7.07 -7.06 20.17
N SER A 93 6.50 -5.95 19.71
CA SER A 93 7.23 -4.91 19.01
C SER A 93 6.43 -3.62 19.17
N ALA A 94 6.95 -2.52 18.66
CA ALA A 94 6.25 -1.26 18.79
C ALA A 94 4.90 -1.28 18.08
N PRO A 95 3.90 -0.62 18.66
CA PRO A 95 2.58 -0.58 18.04
C PRO A 95 2.58 0.17 16.72
N LEU A 96 1.68 -0.24 15.83
CA LEU A 96 1.50 0.43 14.55
C LEU A 96 0.46 1.54 14.66
N LEU A 97 -0.59 1.30 15.43
CA LEU A 97 -1.58 2.35 15.69
C LEU A 97 -1.37 2.93 17.08
N PRO A 98 -1.60 4.25 17.23
CA PRO A 98 -1.52 4.93 18.52
C PRO A 98 -2.50 4.36 19.53
N SER A 99 -2.13 4.39 20.81
CA SER A 99 -3.00 3.92 21.87
C SER A 99 -4.09 4.93 22.22
N ASP A 100 -3.79 6.22 22.09
CA ASP A 100 -4.78 7.25 22.37
C ASP A 100 -5.91 7.21 21.34
N PRO A 101 -7.17 7.15 21.81
CA PRO A 101 -8.27 7.04 20.85
C PRO A 101 -8.34 8.15 19.81
N TYR A 102 -8.06 9.39 20.21
CA TYR A 102 -8.11 10.48 19.25
C TYR A 102 -7.05 10.33 18.17
N GLN A 103 -5.82 10.05 18.60
CA GLN A 103 -4.73 9.85 17.65
C GLN A 103 -5.00 8.64 16.77
N ARG A 104 -5.61 7.61 17.34
CA ARG A 104 -5.92 6.41 16.59
C ARG A 104 -6.95 6.72 15.50
N ALA A 105 -7.94 7.56 15.82
CA ALA A 105 -8.94 7.97 14.84
C ALA A 105 -8.29 8.79 13.73
N GLN A 106 -7.31 9.61 14.07
CA GLN A 106 -6.60 10.37 13.06
C GLN A 106 -5.81 9.47 12.13
N SER A 107 -5.19 8.45 12.71
CA SER A 107 -4.43 7.49 11.91
C SER A 107 -5.37 6.74 10.96
N ARG A 108 -6.53 6.36 11.46
CA ARG A 108 -7.51 5.68 10.60
C ARG A 108 -7.97 6.60 9.46
N PHE A 109 -8.17 7.88 9.78
CA PHE A 109 -8.57 8.84 8.76
C PHE A 109 -7.57 8.90 7.62
N TRP A 110 -6.31 9.03 7.96
CA TRP A 110 -5.29 9.21 6.93
C TRP A 110 -4.95 7.93 6.18
N ALA A 111 -5.08 6.77 6.84
CA ALA A 111 -4.90 5.50 6.14
C ALA A 111 -6.02 5.33 5.11
N ASP A 112 -7.25 5.62 5.51
CA ASP A 112 -8.38 5.57 4.59
C ASP A 112 -8.21 6.54 3.42
N PHE A 113 -7.65 7.71 3.72
CA PHE A 113 -7.40 8.72 2.70
C PHE A 113 -6.53 8.15 1.59
N VAL A 114 -5.58 7.29 1.93
CA VAL A 114 -4.74 6.67 0.92
C VAL A 114 -5.58 5.82 -0.03
N ASP A 115 -6.47 5.00 0.51
CA ASP A 115 -7.38 4.22 -0.34
C ASP A 115 -8.26 5.12 -1.23
N LYS A 116 -8.83 6.16 -0.62
CA LYS A 116 -9.85 6.96 -1.28
C LYS A 116 -9.29 7.97 -2.28
N LYS A 117 -8.07 8.45 -2.05
CA LYS A 117 -7.48 9.48 -2.90
C LYS A 117 -6.25 9.00 -3.64
N ILE A 118 -5.23 8.55 -2.90
CA ILE A 118 -3.98 8.16 -3.55
C ILE A 118 -4.17 7.00 -4.55
N TYR A 119 -4.78 5.91 -4.09
CA TYR A 119 -5.00 4.77 -4.96
C TYR A 119 -5.93 5.12 -6.11
N ASP A 120 -7.04 5.77 -5.78
CA ASP A 120 -8.08 6.04 -6.77
C ASP A 120 -7.58 6.98 -7.87
N LEU A 121 -6.93 8.05 -7.46
CA LEU A 121 -6.43 9.01 -8.41
C LEU A 121 -5.25 8.47 -9.20
N GLY A 122 -4.37 7.70 -8.53
CA GLY A 122 -3.26 7.07 -9.24
C GLY A 122 -3.77 6.17 -10.34
N ARG A 123 -4.83 5.44 -10.04
CA ARG A 123 -5.43 4.55 -11.03
C ARG A 123 -5.95 5.34 -12.23
N LYS A 124 -6.58 6.48 -11.96
CA LYS A 124 -7.07 7.33 -13.04
C LYS A 124 -5.94 7.88 -13.90
N ILE A 125 -4.77 8.12 -13.30
CA ILE A 125 -3.65 8.65 -14.07
C ILE A 125 -3.24 7.68 -15.17
N TRP A 126 -3.20 6.39 -14.87
CA TRP A 126 -2.76 5.46 -15.89
C TRP A 126 -3.90 4.90 -16.76
N THR A 127 -5.13 4.95 -16.26
CA THR A 127 -6.26 4.43 -17.05
C THR A 127 -6.98 5.47 -17.91
N LYS A 128 -6.72 6.75 -17.70
CA LYS A 128 -7.40 7.81 -18.44
C LYS A 128 -6.41 8.59 -19.30
N LYS A 129 -6.94 9.42 -20.20
CA LYS A 129 -6.12 10.21 -21.09
C LYS A 129 -6.59 11.65 -21.10
N GLY A 130 -5.81 12.51 -21.75
CA GLY A 130 -6.23 13.87 -22.02
C GLY A 130 -6.61 14.67 -20.80
N GLU A 131 -7.70 15.41 -20.90
CA GLU A 131 -8.09 16.33 -19.83
C GLU A 131 -8.47 15.60 -18.55
N GLU A 132 -9.11 14.45 -18.68
CA GLU A 132 -9.48 13.67 -17.51
C GLU A 132 -8.23 13.23 -16.74
N GLN A 133 -7.22 12.80 -17.50
CA GLN A 133 -5.96 12.38 -16.91
C GLN A 133 -5.24 13.55 -16.24
N GLU A 134 -5.27 14.71 -16.89
CA GLU A 134 -4.65 15.91 -16.32
C GLU A 134 -5.31 16.28 -14.99
N ALA A 135 -6.63 16.19 -14.92
CA ALA A 135 -7.34 16.46 -13.68
C ALA A 135 -6.94 15.49 -12.58
N ALA A 136 -6.80 14.21 -12.93
CA ALA A 136 -6.38 13.19 -11.98
C ALA A 136 -4.98 13.48 -11.44
N LYS A 137 -4.07 13.92 -12.32
CA LYS A 137 -2.71 14.25 -11.89
C LYS A 137 -2.74 15.40 -10.88
N LYS A 138 -3.51 16.43 -11.20
CA LYS A 138 -3.61 17.59 -10.32
C LYS A 138 -4.17 17.20 -8.97
N ASP A 139 -5.24 16.40 -8.97
CA ASP A 139 -5.86 15.98 -7.73
C ASP A 139 -4.94 15.06 -6.93
N PHE A 140 -4.19 14.22 -7.64
CA PHE A 140 -3.22 13.32 -7.00
C PHE A 140 -2.12 14.12 -6.28
N ILE A 141 -1.55 15.09 -6.98
CA ILE A 141 -0.56 15.95 -6.35
C ILE A 141 -1.15 16.71 -5.17
N ASP A 142 -2.36 17.24 -5.33
CA ASP A 142 -3.01 17.96 -4.23
C ASP A 142 -3.21 17.05 -3.02
N SER A 143 -3.51 15.79 -3.28
CA SER A 143 -3.70 14.83 -2.20
C SER A 143 -2.40 14.52 -1.49
N LEU A 144 -1.33 14.35 -2.25
CA LEU A 144 -0.01 14.16 -1.63
C LEU A 144 0.38 15.37 -0.79
N LYS A 145 0.04 16.57 -1.26
CA LYS A 145 0.32 17.79 -0.50
C LYS A 145 -0.43 17.83 0.82
N LEU A 146 -1.67 17.36 0.82
CA LEU A 146 -2.42 17.28 2.07
C LEU A 146 -1.73 16.34 3.04
N MET A 147 -1.22 15.22 2.52
CA MET A 147 -0.46 14.30 3.37
C MET A 147 0.86 14.89 3.87
N GLU A 148 1.53 15.66 3.04
CA GLU A 148 2.74 16.37 3.47
C GLU A 148 2.43 17.27 4.66
N GLY A 149 1.29 17.94 4.61
CA GLY A 149 0.86 18.79 5.72
C GLY A 149 0.63 17.99 6.99
N GLU A 150 0.00 16.83 6.85
CA GLU A 150 -0.24 15.96 7.99
C GLU A 150 1.09 15.44 8.58
N LEU A 151 2.03 15.09 7.72
CA LEU A 151 3.35 14.64 8.18
C LEU A 151 4.02 15.72 9.02
N GLY A 152 3.90 16.96 8.58
CA GLY A 152 4.48 18.08 9.30
C GLY A 152 5.99 17.97 9.36
N ASP A 153 6.55 18.08 10.54
CA ASP A 153 8.00 17.99 10.70
C ASP A 153 8.45 16.64 11.25
N LYS A 154 7.53 15.68 11.32
CA LYS A 154 7.87 14.34 11.80
C LYS A 154 8.58 13.55 10.72
N PRO A 155 9.46 12.62 11.11
CA PRO A 155 10.14 11.83 10.08
C PRO A 155 9.24 10.78 9.46
N TYR A 156 8.25 10.30 10.20
CA TYR A 156 7.28 9.31 9.70
C TYR A 156 5.88 9.73 10.11
N PHE A 157 4.87 9.24 9.41
CA PHE A 157 3.49 9.54 9.82
C PHE A 157 3.22 8.99 11.22
N GLY A 158 3.90 7.89 11.57
CA GLY A 158 3.75 7.30 12.89
C GLY A 158 4.57 8.00 13.96
N GLY A 159 5.28 9.06 13.61
CA GLY A 159 6.14 9.77 14.56
C GLY A 159 7.59 9.38 14.32
N GLU A 160 8.15 8.61 15.24
CA GLU A 160 9.55 8.20 15.15
C GLU A 160 9.74 6.76 14.73
N THR A 161 8.63 6.08 14.47
CA THR A 161 8.67 4.72 13.92
C THR A 161 7.60 4.60 12.84
N ILE A 162 7.71 3.54 12.04
CA ILE A 162 6.71 3.21 11.03
C ILE A 162 5.39 2.90 11.71
N GLY A 163 4.34 3.65 11.35
CA GLY A 163 3.01 3.41 11.86
C GLY A 163 2.03 3.01 10.78
N TYR A 164 0.77 2.86 11.20
CA TYR A 164 -0.33 2.47 10.34
C TYR A 164 -0.42 3.29 9.06
N VAL A 165 -0.32 4.61 9.18
CA VAL A 165 -0.42 5.45 7.98
C VAL A 165 0.78 5.26 7.04
N ASP A 166 1.98 5.11 7.61
CA ASP A 166 3.16 4.79 6.79
C ASP A 166 2.93 3.50 6.00
N ILE A 167 2.44 2.47 6.69
CA ILE A 167 2.17 1.22 6.02
C ILE A 167 1.11 1.37 4.93
N ALA A 168 0.10 2.18 5.19
CA ALA A 168 -0.96 2.40 4.21
C ALA A 168 -0.42 3.06 2.95
N LEU A 169 0.49 4.04 3.14
CA LEU A 169 0.95 4.90 2.06
C LEU A 169 2.19 4.43 1.34
N VAL A 170 3.25 4.09 2.07
CA VAL A 170 4.55 3.96 1.41
C VAL A 170 4.62 2.90 0.31
N PRO A 171 3.79 1.82 0.35
CA PRO A 171 3.87 0.89 -0.78
C PRO A 171 3.55 1.55 -2.12
N PHE A 172 2.74 2.59 -2.11
CA PHE A 172 2.44 3.29 -3.35
C PHE A 172 3.64 3.96 -3.99
N TYR A 173 4.70 4.17 -3.23
CA TYR A 173 5.93 4.67 -3.83
C TYR A 173 6.41 3.75 -4.95
N SER A 174 6.17 2.45 -4.84
CA SER A 174 6.62 1.51 -5.86
C SER A 174 5.87 1.68 -7.19
N TRP A 175 4.72 2.36 -7.13
CA TRP A 175 3.92 2.69 -8.31
C TRP A 175 4.18 4.09 -8.86
N PHE A 176 4.93 4.91 -8.12
CA PHE A 176 5.13 6.29 -8.54
C PHE A 176 5.77 6.42 -9.93
N TYR A 177 6.80 5.63 -10.20
CA TYR A 177 7.46 5.69 -11.50
C TYR A 177 6.46 5.39 -12.63
N ALA A 178 5.59 4.41 -12.43
CA ALA A 178 4.56 4.11 -13.41
C ALA A 178 3.61 5.31 -13.61
N TYR A 179 3.13 5.91 -12.53
CA TYR A 179 2.25 7.06 -12.65
C TYR A 179 2.96 8.19 -13.40
N GLU A 180 4.20 8.44 -13.03
CA GLU A 180 4.98 9.54 -13.62
C GLU A 180 5.21 9.35 -15.10
N THR A 181 5.52 8.12 -15.48
CA THR A 181 5.91 7.81 -16.86
C THR A 181 4.70 7.84 -17.78
N ILE A 182 3.62 7.20 -17.33
CA ILE A 182 2.40 7.16 -18.12
C ILE A 182 1.72 8.53 -18.11
N GLY A 183 1.65 9.17 -16.95
CA GLY A 183 0.99 10.46 -16.83
C GLY A 183 1.83 11.65 -17.29
N ASN A 184 3.14 11.43 -17.38
CA ASN A 184 4.08 12.49 -17.71
C ASN A 184 4.09 13.63 -16.70
N PHE A 185 4.63 13.33 -15.52
CA PHE A 185 4.86 14.34 -14.51
C PHE A 185 5.93 13.85 -13.55
N ASN A 186 6.37 14.71 -12.65
CA ASN A 186 7.45 14.37 -11.75
C ASN A 186 7.04 14.72 -10.34
N ILE A 187 6.84 13.69 -9.51
CA ILE A 187 6.34 13.90 -8.17
C ILE A 187 7.35 14.63 -7.28
N GLU A 188 8.64 14.32 -7.41
CA GLU A 188 9.66 14.99 -6.61
C GLU A 188 9.68 16.49 -6.86
N ALA A 189 9.46 16.89 -8.11
CA ALA A 189 9.46 18.31 -8.44
C ALA A 189 8.32 19.04 -7.73
N GLU A 190 7.17 18.40 -7.62
CA GLU A 190 6.01 19.05 -7.04
C GLU A 190 5.89 18.82 -5.53
N CYS A 191 6.45 17.70 -5.07
CA CYS A 191 6.26 17.24 -3.69
C CYS A 191 7.60 16.73 -3.15
N PRO A 192 8.58 17.63 -2.98
CA PRO A 192 9.88 17.15 -2.50
C PRO A 192 9.82 16.54 -1.10
N LYS A 193 8.95 17.03 -0.24
CA LYS A 193 8.85 16.48 1.12
C LYS A 193 8.34 15.04 1.10
N MET A 194 7.33 14.77 0.28
CA MET A 194 6.81 13.42 0.12
C MET A 194 7.90 12.47 -0.35
N ILE A 195 8.68 12.90 -1.35
CA ILE A 195 9.73 12.03 -1.86
C ILE A 195 10.86 11.82 -0.84
N ALA A 196 11.24 12.87 -0.11
CA ALA A 196 12.22 12.73 0.96
C ALA A 196 11.73 11.70 1.99
N TYR A 197 10.44 11.78 2.32
CA TYR A 197 9.84 10.86 3.26
C TYR A 197 9.91 9.42 2.75
N CYS A 198 9.56 9.20 1.49
CA CYS A 198 9.62 7.85 0.94
C CYS A 198 11.03 7.30 0.96
N LYS A 199 12.00 8.13 0.59
CA LYS A 199 13.39 7.69 0.58
C LYS A 199 13.88 7.36 1.98
N ARG A 200 13.45 8.16 2.96
CA ARG A 200 13.78 7.89 4.35
C ARG A 200 13.22 6.54 4.79
N CYS A 201 11.96 6.27 4.45
CA CYS A 201 11.36 4.97 4.77
C CYS A 201 12.16 3.83 4.14
N LEU A 202 12.60 4.03 2.91
CA LEU A 202 13.32 3.01 2.15
C LEU A 202 14.70 2.68 2.73
N GLN A 203 15.19 3.49 3.66
CA GLN A 203 16.43 3.16 4.36
C GLN A 203 16.23 1.99 5.31
N LYS A 204 14.97 1.68 5.63
CA LYS A 204 14.64 0.56 6.52
C LYS A 204 14.53 -0.74 5.73
N GLU A 205 15.12 -1.80 6.28
CA GLU A 205 15.06 -3.12 5.66
C GLU A 205 13.64 -3.63 5.45
N THR A 206 12.76 -3.41 6.44
CA THR A 206 11.39 -3.89 6.31
C THR A 206 10.71 -3.25 5.10
N VAL A 207 10.90 -1.94 4.94
CA VAL A 207 10.26 -1.20 3.85
C VAL A 207 10.87 -1.59 2.51
N SER A 208 12.20 -1.61 2.42
CA SER A 208 12.84 -1.91 1.14
C SER A 208 12.55 -3.34 0.66
N LYS A 209 12.48 -4.28 1.60
CA LYS A 209 12.18 -5.67 1.24
C LYS A 209 10.71 -5.87 0.84
N ALA A 210 9.82 -5.12 1.47
CA ALA A 210 8.39 -5.26 1.18
C ALA A 210 7.97 -4.61 -0.13
N LEU A 211 8.60 -3.50 -0.49
CA LEU A 211 8.25 -2.78 -1.72
C LEU A 211 8.90 -3.39 -2.96
N GLU A 212 8.14 -3.45 -4.03
CA GLU A 212 8.62 -4.04 -5.28
C GLU A 212 9.37 -3.01 -6.13
N ASP A 213 10.12 -3.52 -7.10
CA ASP A 213 10.93 -2.68 -7.97
C ASP A 213 10.03 -1.82 -8.88
N PRO A 214 10.24 -0.50 -8.89
CA PRO A 214 9.36 0.38 -9.68
C PRO A 214 9.39 0.09 -11.18
N GLN A 215 10.53 -0.33 -11.72
CA GLN A 215 10.59 -0.72 -13.13
C GLN A 215 9.70 -1.93 -13.41
N LYS A 216 9.76 -2.93 -12.53
CA LYS A 216 8.93 -4.13 -12.70
C LYS A 216 7.45 -3.81 -12.58
N VAL A 217 7.10 -2.94 -11.64
CA VAL A 217 5.72 -2.51 -11.50
C VAL A 217 5.24 -1.79 -12.77
N TYR A 218 6.07 -0.89 -13.29
CA TYR A 218 5.74 -0.20 -14.54
C TYR A 218 5.51 -1.20 -15.68
N ASP A 219 6.38 -2.19 -15.81
CA ASP A 219 6.21 -3.19 -16.86
C ASP A 219 4.90 -3.96 -16.69
N PHE A 220 4.51 -4.19 -15.44
CA PHE A 220 3.23 -4.81 -15.14
C PHE A 220 2.06 -3.93 -15.61
N VAL A 221 2.15 -2.62 -15.33
CA VAL A 221 1.08 -1.72 -15.73
C VAL A 221 1.00 -1.64 -17.26
N LEU A 222 2.15 -1.68 -17.92
CA LEU A 222 2.17 -1.70 -19.39
C LEU A 222 1.43 -2.93 -19.92
N MET A 223 1.62 -4.06 -19.25
CA MET A 223 0.92 -5.29 -19.63
C MET A 223 -0.59 -5.07 -19.53
N LEU A 224 -1.03 -4.43 -18.43
CA LEU A 224 -2.45 -4.13 -18.27
C LEU A 224 -2.95 -3.16 -19.34
N MET A 225 -2.16 -2.15 -19.68
CA MET A 225 -2.60 -1.19 -20.70
C MET A 225 -2.77 -1.85 -22.06
N LYS A 226 -1.87 -2.79 -22.37
CA LYS A 226 -2.00 -3.57 -23.61
C LYS A 226 -3.25 -4.44 -23.56
N LYS A 227 -3.46 -5.09 -22.42
CA LYS A 227 -4.61 -5.98 -22.25
C LYS A 227 -5.92 -5.24 -22.51
N PHE A 228 -6.01 -4.00 -22.03
CA PHE A 228 -7.23 -3.22 -22.17
C PHE A 228 -7.25 -2.32 -23.39
N GLY A 229 -6.17 -2.34 -24.18
CA GLY A 229 -6.09 -1.56 -25.41
C GLY A 229 -6.07 -0.06 -25.21
N ILE A 230 -5.41 0.39 -24.13
CA ILE A 230 -5.40 1.81 -23.78
C ILE A 230 -4.01 2.45 -23.78
N GLU A 231 -3.04 1.83 -24.45
CA GLU A 231 -1.72 2.44 -24.58
C GLU A 231 -1.79 3.80 -25.26
N1 GSH B . -9.80 -3.02 -0.83
CA1 GSH B . -8.92 -4.16 -1.05
C1 GSH B . -7.79 -4.19 -0.05
O11 GSH B . -7.42 -3.18 0.43
O12 GSH B . -7.31 -5.26 0.26
CB1 GSH B . -8.35 -4.12 -2.50
CG1 GSH B . -7.64 -5.41 -2.87
CD1 GSH B . -7.47 -5.51 -4.38
OE1 GSH B . -7.73 -4.61 -5.11
N2 GSH B . -6.97 -6.65 -4.77
CA2 GSH B . -6.77 -7.04 -6.16
C2 GSH B . -7.39 -8.38 -6.41
O2 GSH B . -7.21 -9.33 -5.80
CB2 GSH B . -5.30 -7.17 -6.53
SG2 GSH B . -4.38 -5.65 -6.33
N3 GSH B . -8.15 -8.38 -7.47
CA3 GSH B . -9.02 -9.49 -7.82
C3 GSH B . -9.27 -9.61 -9.27
O31 GSH B . -8.70 -8.87 -10.04
O32 GSH B . -9.99 -10.55 -9.62
#